data_9ND3
#
_entry.id   9ND3
#
_cell.length_a   53.374
_cell.length_b   56.929
_cell.length_c   114.870
_cell.angle_alpha   90.00
_cell.angle_beta   90.00
_cell.angle_gamma   90.00
#
_symmetry.space_group_name_H-M   'P 21 21 21'
#
loop_
_entity.id
_entity.type
_entity.pdbx_description
1 polymer 'Tyrosine-protein kinase JAK2'
2 non-polymer N-[(1r,4r)-4-{3-[5-amino-3-(4-sulfamoylanilino)-1H-1,2,4-triazole-1-carbonyl]-2,4-difluorophenyl}cyclohexyl]prop-2-enamide
3 water water
#
_entity_poly.entity_id   1
_entity_poly.type   'polypeptide(L)'
_entity_poly.pdbx_seq_one_letter_code
;VFHKIRNEDLIFNESLGQGTFTKIFKGVRREVGDYGQLHETEVLLKVLDKAHRNYSESFFEAASMMSKLSHKHLVLNYGV
CVCGDENILVQEFVKFGSLDTYLKKNKNCINILWKLEVAKQLAWAMHFLEENTLIHGNVCAKNILLIREEDRKTGNPPFI
KLSDPGISITVLPKDILQERIPWVPPECIENPKNLNLATDKWSFGTTLWEICSGGDKPLSALDSQRKLQFYEDRHQLPAP
KWAELANLINNCMDYEPDHRPSFRAIIRDLNSLFTPDHHHHHH
;
_entity_poly.pdbx_strand_id   A
#
loop_
_chem_comp.id
_chem_comp.type
_chem_comp.name
_chem_comp.formula
A1BW6 non-polymer N-[(1r,4r)-4-{3-[5-amino-3-(4-sulfamoylanilino)-1H-1,2,4-triazole-1-carbonyl]-2,4-difluorophenyl}cyclohexyl]prop-2-enamide 'C24 H25 F2 N7 O4 S'
#
# COMPACT_ATOMS: atom_id res chain seq x y z
N VAL A 1 -20.13 6.49 0.45
CA VAL A 1 -20.98 5.87 1.44
C VAL A 1 -20.37 4.54 1.88
N PHE A 2 -20.08 4.44 3.16
CA PHE A 2 -19.63 3.20 3.78
C PHE A 2 -20.79 2.52 4.49
N HIS A 3 -20.94 1.21 4.27
CA HIS A 3 -21.87 0.43 5.07
C HIS A 3 -21.54 0.57 6.56
N LYS A 4 -22.56 0.83 7.37
CA LYS A 4 -22.34 0.95 8.81
C LYS A 4 -22.50 -0.41 9.50
N ILE A 5 -21.56 -0.70 10.38
CA ILE A 5 -21.50 -1.97 11.11
C ILE A 5 -21.70 -1.68 12.58
N ARG A 6 -22.61 -2.42 13.21
CA ARG A 6 -22.90 -2.18 14.62
C ARG A 6 -21.71 -2.58 15.48
N ASN A 7 -21.41 -1.77 16.49
CA ASN A 7 -20.33 -2.11 17.40
C ASN A 7 -20.53 -3.48 18.01
N GLU A 8 -21.78 -3.88 18.25
CA GLU A 8 -22.06 -5.17 18.89
C GLU A 8 -21.60 -6.33 18.02
N ASP A 9 -21.51 -6.12 16.72
CA ASP A 9 -21.16 -7.17 15.78
C ASP A 9 -19.66 -7.27 15.53
N LEU A 10 -18.84 -6.48 16.23
CA LEU A 10 -17.39 -6.53 16.09
C LEU A 10 -16.76 -7.04 17.39
N ILE A 11 -15.97 -8.10 17.30
CA ILE A 11 -15.19 -8.61 18.42
C ILE A 11 -13.72 -8.40 18.09
N PHE A 12 -13.00 -7.74 18.98
CA PHE A 12 -11.55 -7.58 18.86
C PHE A 12 -10.84 -8.75 19.54
N ASN A 13 -9.92 -9.41 18.82
CA ASN A 13 -9.21 -10.57 19.32
C ASN A 13 -7.72 -10.36 19.50
N GLU A 14 -7.02 -9.70 18.57
CA GLU A 14 -5.58 -9.54 18.66
C GLU A 14 -5.21 -8.10 18.33
N SER A 15 -4.28 -7.56 19.09
CA SER A 15 -3.68 -6.25 18.84
C SER A 15 -2.42 -6.50 18.04
N LEU A 16 -2.39 -5.98 16.80
CA LEU A 16 -1.34 -6.38 15.88
C LEU A 16 -0.24 -5.36 15.70
N GLY A 17 -0.45 -4.10 16.05
CA GLY A 17 0.55 -3.09 15.85
C GLY A 17 -0.06 -1.79 15.40
N GLN A 18 0.79 -0.90 14.86
CA GLN A 18 0.38 0.44 14.52
C GLN A 18 0.75 0.77 13.08
N GLY A 19 -0.15 1.46 12.42
CA GLY A 19 0.16 2.18 11.23
C GLY A 19 0.45 3.62 11.54
N THR A 20 0.22 4.50 10.56
CA THR A 20 0.48 5.92 10.75
C THR A 20 -0.73 6.52 11.44
N PHE A 21 -0.59 6.76 12.75
CA PHE A 21 -1.67 7.24 13.61
C PHE A 21 -2.90 6.34 13.53
N THR A 22 -2.66 5.05 13.36
CA THR A 22 -3.72 4.04 13.44
C THR A 22 -3.28 2.90 14.35
N LYS A 23 -4.26 2.23 14.96
CA LYS A 23 -4.02 1.01 15.73
C LYS A 23 -4.70 -0.14 15.01
N ILE A 24 -4.00 -1.25 14.83
CA ILE A 24 -4.44 -2.33 13.98
C ILE A 24 -4.78 -3.54 14.83
N PHE A 25 -5.92 -4.16 14.53
CA PHE A 25 -6.39 -5.32 15.28
C PHE A 25 -6.88 -6.39 14.33
N LYS A 26 -6.81 -7.64 14.78
CA LYS A 26 -7.54 -8.72 14.14
C LYS A 26 -8.80 -8.96 14.96
N GLY A 27 -9.91 -9.19 14.28
CA GLY A 27 -11.16 -9.45 14.96
C GLY A 27 -12.11 -10.27 14.11
N VAL A 28 -13.36 -10.31 14.55
CA VAL A 28 -14.40 -11.05 13.85
C VAL A 28 -15.60 -10.14 13.73
N ARG A 29 -16.25 -10.20 12.58
CA ARG A 29 -17.50 -9.51 12.33
C ARG A 29 -18.60 -10.56 12.28
N ARG A 30 -19.65 -10.37 13.07
CA ARG A 30 -20.84 -11.24 13.03
C ARG A 30 -21.77 -10.58 12.03
N GLU A 31 -22.14 -11.25 10.94
CA GLU A 31 -22.91 -10.57 9.92
C GLU A 31 -23.94 -11.51 9.31
N VAL A 32 -24.97 -10.90 8.76
CA VAL A 32 -25.96 -11.62 7.94
C VAL A 32 -25.45 -11.60 6.51
N GLY A 33 -25.21 -12.78 5.95
CA GLY A 33 -24.62 -12.90 4.64
C GLY A 33 -25.64 -13.21 3.56
N ASP A 34 -25.12 -13.57 2.39
CA ASP A 34 -25.95 -14.07 1.32
C ASP A 34 -26.84 -15.19 1.87
N TYR A 35 -28.02 -15.31 1.28
CA TYR A 35 -29.02 -16.30 1.68
C TYR A 35 -29.37 -16.20 3.17
N GLY A 36 -29.12 -15.05 3.79
CA GLY A 36 -29.48 -14.86 5.19
C GLY A 36 -28.71 -15.67 6.22
N GLN A 37 -27.60 -16.29 5.83
CA GLN A 37 -26.79 -17.10 6.75
C GLN A 37 -26.02 -16.20 7.71
N LEU A 38 -25.95 -16.61 8.99
CA LEU A 38 -25.13 -15.89 9.96
C LEU A 38 -23.69 -16.36 9.84
N HIS A 39 -22.78 -15.41 9.57
CA HIS A 39 -21.36 -15.69 9.38
C HIS A 39 -20.55 -14.99 10.48
N GLU A 40 -19.39 -15.57 10.80
CA GLU A 40 -18.39 -14.92 11.66
C GLU A 40 -17.16 -14.76 10.75
N THR A 41 -16.94 -13.54 10.25
CA THR A 41 -15.89 -13.26 9.24
C THR A 41 -14.64 -12.70 9.86
N GLU A 42 -13.48 -13.29 9.61
CA GLU A 42 -12.23 -12.66 10.10
C GLU A 42 -12.16 -11.27 9.47
N VAL A 43 -11.79 -10.27 10.24
CA VAL A 43 -11.68 -8.87 9.73
C VAL A 43 -10.40 -8.23 10.25
N LEU A 44 -9.89 -7.24 9.53
CA LEU A 44 -8.75 -6.44 10.01
C LEU A 44 -9.33 -5.08 10.39
N LEU A 45 -9.13 -4.63 11.62
CA LEU A 45 -9.74 -3.38 12.11
C LEU A 45 -8.67 -2.29 12.19
N LYS A 46 -8.85 -1.19 11.48
CA LYS A 46 -7.92 -0.02 11.55
C LYS A 46 -8.62 1.03 12.41
N VAL A 47 -8.07 1.38 13.54
CA VAL A 47 -8.73 2.23 14.54
C VAL A 47 -8.05 3.58 14.56
N LEU A 48 -8.86 4.64 14.41
CA LEU A 48 -8.40 6.01 14.48
C LEU A 48 -9.01 6.68 15.71
N ASP A 49 -8.22 7.49 16.39
CA ASP A 49 -8.70 8.26 17.52
C ASP A 49 -9.59 9.40 17.05
N LYS A 50 -10.76 9.57 17.69
CA LYS A 50 -11.67 10.64 17.26
C LYS A 50 -11.09 12.02 17.51
N ALA A 51 -10.22 12.16 18.51
CA ALA A 51 -9.66 13.48 18.84
C ALA A 51 -8.75 13.98 17.73
N HIS A 52 -8.16 13.08 16.95
CA HIS A 52 -7.33 13.45 15.80
C HIS A 52 -8.23 13.58 14.56
N ARG A 53 -9.01 14.66 14.58
CA ARG A 53 -10.15 14.77 13.68
C ARG A 53 -9.72 14.92 12.23
N ASN A 54 -8.67 15.73 11.99
CA ASN A 54 -8.21 15.95 10.62
C ASN A 54 -7.59 14.69 10.04
N TYR A 55 -6.83 13.95 10.86
CA TYR A 55 -6.28 12.67 10.41
C TYR A 55 -7.41 11.72 10.05
N SER A 56 -8.39 11.60 10.95
CA SER A 56 -9.53 10.73 10.70
C SER A 56 -10.27 11.08 9.41
N GLU A 57 -10.52 12.37 9.18
CA GLU A 57 -11.27 12.74 7.98
C GLU A 57 -10.46 12.38 6.73
N SER A 58 -9.16 12.64 6.75
CA SER A 58 -8.31 12.29 5.61
C SER A 58 -8.33 10.79 5.38
N PHE A 59 -8.18 10.04 6.47
CA PHE A 59 -8.11 8.58 6.38
C PHE A 59 -9.38 8.00 5.77
N PHE A 60 -10.53 8.40 6.30
CA PHE A 60 -11.77 7.78 5.85
C PHE A 60 -12.20 8.32 4.49
N GLU A 61 -11.85 9.56 4.17
CA GLU A 61 -12.08 10.04 2.81
C GLU A 61 -11.34 9.20 1.79
N ALA A 62 -10.07 8.91 2.09
CA ALA A 62 -9.26 8.08 1.21
C ALA A 62 -9.83 6.67 1.12
N ALA A 63 -10.17 6.08 2.27
CA ALA A 63 -10.75 4.74 2.25
C ALA A 63 -12.01 4.72 1.41
N SER A 64 -12.87 5.72 1.59
CA SER A 64 -14.16 5.66 0.88
C SER A 64 -13.99 5.88 -0.61
N MET A 65 -13.14 6.83 -1.01
CA MET A 65 -13.01 7.10 -2.43
C MET A 65 -12.55 5.85 -3.15
N MET A 66 -11.59 5.16 -2.57
CA MET A 66 -11.05 4.00 -3.27
C MET A 66 -12.01 2.83 -3.23
N SER A 67 -12.74 2.67 -2.12
CA SER A 67 -13.75 1.64 -2.03
C SER A 67 -14.96 1.86 -2.93
N LYS A 68 -15.18 3.08 -3.42
CA LYS A 68 -16.17 3.24 -4.48
C LYS A 68 -15.75 2.52 -5.75
N LEU A 69 -14.49 2.21 -5.90
CA LEU A 69 -14.02 1.38 -7.01
C LEU A 69 -14.01 -0.05 -6.50
N SER A 70 -14.36 -0.97 -7.38
CA SER A 70 -14.20 -2.39 -7.15
C SER A 70 -13.15 -2.87 -8.13
N HIS A 71 -12.11 -3.53 -7.60
CA HIS A 71 -11.05 -4.06 -8.45
C HIS A 71 -10.38 -5.25 -7.74
N LYS A 72 -10.04 -6.27 -8.53
CA LYS A 72 -9.55 -7.51 -7.95
C LYS A 72 -8.25 -7.33 -7.18
N HIS A 73 -7.47 -6.29 -7.47
CA HIS A 73 -6.20 -6.04 -6.77
C HIS A 73 -6.30 -4.91 -5.76
N LEU A 74 -7.51 -4.48 -5.37
CA LEU A 74 -7.70 -3.46 -4.34
C LEU A 74 -8.44 -4.06 -3.16
N VAL A 75 -7.90 -3.85 -1.96
CA VAL A 75 -8.45 -4.46 -0.77
C VAL A 75 -9.92 -4.07 -0.60
N LEU A 76 -10.70 -5.02 -0.07
CA LEU A 76 -12.11 -4.82 0.17
C LEU A 76 -12.33 -4.26 1.57
N ASN A 77 -13.01 -3.12 1.64
CA ASN A 77 -13.55 -2.63 2.90
C ASN A 77 -14.98 -3.11 3.09
N TYR A 78 -15.27 -3.65 4.27
CA TYR A 78 -16.63 -4.09 4.57
C TYR A 78 -17.51 -2.96 5.07
N GLY A 79 -16.92 -1.96 5.73
CA GLY A 79 -17.68 -0.87 6.29
C GLY A 79 -16.91 -0.19 7.39
N VAL A 80 -17.64 0.64 8.16
CA VAL A 80 -17.05 1.40 9.24
C VAL A 80 -17.93 1.28 10.48
N CYS A 81 -17.29 1.48 11.62
CA CYS A 81 -17.99 1.55 12.90
C CYS A 81 -17.47 2.82 13.56
N VAL A 82 -18.31 3.86 13.59
CA VAL A 82 -17.94 5.10 14.27
C VAL A 82 -18.69 5.23 15.59
N CYS A 83 -19.41 4.18 16.00
CA CYS A 83 -20.17 4.16 17.26
C CYS A 83 -19.25 3.69 18.40
N GLY A 84 -18.26 4.52 18.68
CA GLY A 84 -17.42 4.39 19.85
C GLY A 84 -16.82 5.74 20.18
N ASP A 85 -15.73 5.78 20.93
CA ASP A 85 -14.87 6.97 20.97
C ASP A 85 -13.80 6.91 19.90
N GLU A 86 -13.96 6.02 18.92
CA GLU A 86 -12.94 5.77 17.91
C GLU A 86 -13.66 5.43 16.61
N ASN A 87 -13.03 5.76 15.50
CA ASN A 87 -13.54 5.46 14.17
C ASN A 87 -12.81 4.22 13.68
N ILE A 88 -13.56 3.21 13.26
CA ILE A 88 -12.99 1.92 12.89
C ILE A 88 -13.29 1.63 11.43
N LEU A 89 -12.24 1.35 10.65
CA LEU A 89 -12.37 0.79 9.32
C LEU A 89 -12.36 -0.72 9.45
N VAL A 90 -13.36 -1.38 8.90
CA VAL A 90 -13.50 -2.83 8.96
C VAL A 90 -13.10 -3.34 7.58
N GLN A 91 -12.02 -4.09 7.48
CA GLN A 91 -11.41 -4.44 6.20
C GLN A 91 -11.26 -5.95 6.10
N GLU A 92 -11.17 -6.47 4.88
CA GLU A 92 -10.90 -7.89 4.76
C GLU A 92 -9.54 -8.17 5.38
N PHE A 93 -9.45 -9.35 5.97
CA PHE A 93 -8.21 -9.85 6.55
C PHE A 93 -7.50 -10.65 5.46
N VAL A 94 -6.32 -10.19 5.06
CA VAL A 94 -5.57 -10.83 3.98
C VAL A 94 -4.58 -11.80 4.63
N LYS A 95 -4.75 -13.09 4.34
CA LYS A 95 -4.18 -14.14 5.17
C LYS A 95 -2.66 -14.03 5.31
N PHE A 96 -1.95 -13.80 4.21
CA PHE A 96 -0.47 -13.87 4.27
C PHE A 96 0.18 -12.51 4.49
N GLY A 97 -0.62 -11.48 4.72
CA GLY A 97 -0.07 -10.23 5.24
C GLY A 97 0.78 -9.48 4.22
N SER A 98 1.68 -8.67 4.77
CA SER A 98 2.40 -7.68 3.99
C SER A 98 3.51 -8.35 3.22
N LEU A 99 3.76 -7.84 2.03
CA LEU A 99 4.75 -8.48 1.15
C LEU A 99 6.17 -8.32 1.69
N ASP A 100 6.52 -7.19 2.29
CA ASP A 100 7.88 -7.06 2.81
C ASP A 100 8.13 -8.08 3.91
N THR A 101 7.18 -8.22 4.86
CA THR A 101 7.29 -9.25 5.89
C THR A 101 7.37 -10.63 5.28
N TYR A 102 6.54 -10.89 4.26
CA TYR A 102 6.53 -12.21 3.66
C TYR A 102 7.87 -12.56 3.04
N LEU A 103 8.47 -11.59 2.32
CA LEU A 103 9.77 -11.84 1.72
C LEU A 103 10.83 -12.10 2.78
N LYS A 104 10.79 -11.36 3.89
CA LYS A 104 11.77 -11.55 4.95
C LYS A 104 11.60 -12.91 5.59
N LYS A 105 10.37 -13.28 5.93
CA LYS A 105 10.10 -14.55 6.58
C LYS A 105 10.45 -15.74 5.69
N ASN A 106 10.31 -15.59 4.38
CA ASN A 106 10.72 -16.62 3.46
C ASN A 106 12.15 -16.43 2.98
N LYS A 107 12.93 -15.59 3.67
CA LYS A 107 14.35 -15.49 3.44
C LYS A 107 14.66 -15.21 1.97
N ASN A 108 13.74 -14.51 1.30
CA ASN A 108 13.91 -14.11 -0.09
C ASN A 108 14.12 -15.31 -1.00
N CYS A 109 13.53 -16.45 -0.63
CA CYS A 109 13.58 -17.66 -1.45
C CYS A 109 12.38 -17.72 -2.40
N ILE A 110 12.36 -16.76 -3.31
CA ILE A 110 11.32 -16.68 -4.34
C ILE A 110 12.06 -16.27 -5.61
N ASN A 111 11.55 -16.69 -6.76
CA ASN A 111 12.30 -16.49 -7.98
C ASN A 111 11.88 -15.18 -8.67
N ILE A 112 12.62 -14.83 -9.71
CA ILE A 112 12.38 -13.56 -10.37
C ILE A 112 10.99 -13.55 -11.01
N LEU A 113 10.48 -14.70 -11.46
CA LEU A 113 9.17 -14.69 -12.10
C LEU A 113 8.06 -14.39 -11.10
N TRP A 114 8.24 -14.84 -9.86
CA TRP A 114 7.31 -14.51 -8.79
C TRP A 114 7.28 -13.00 -8.57
N LYS A 115 8.46 -12.39 -8.47
CA LYS A 115 8.53 -10.96 -8.28
C LYS A 115 7.90 -10.21 -9.45
N LEU A 116 8.14 -10.67 -10.69
CA LEU A 116 7.57 -10.01 -11.84
C LEU A 116 6.05 -10.15 -11.85
N GLU A 117 5.54 -11.30 -11.48
CA GLU A 117 4.09 -11.47 -11.39
C GLU A 117 3.49 -10.47 -10.41
N VAL A 118 4.09 -10.33 -9.22
CA VAL A 118 3.57 -9.39 -8.23
C VAL A 118 3.66 -7.96 -8.75
N ALA A 119 4.78 -7.62 -9.37
CA ALA A 119 4.94 -6.30 -9.96
C ALA A 119 3.87 -6.01 -11.00
N LYS A 120 3.57 -7.00 -11.84
CA LYS A 120 2.55 -6.83 -12.87
C LYS A 120 1.18 -6.60 -12.27
N GLN A 121 0.90 -7.33 -11.19
CA GLN A 121 -0.38 -7.16 -10.52
C GLN A 121 -0.49 -5.78 -9.90
N LEU A 122 0.55 -5.35 -9.19
CA LEU A 122 0.51 -4.01 -8.63
C LEU A 122 0.35 -2.97 -9.73
N ALA A 123 1.09 -3.13 -10.82
CA ALA A 123 0.99 -2.19 -11.94
C ALA A 123 -0.42 -2.17 -12.52
N TRP A 124 -1.09 -3.33 -12.54
CA TRP A 124 -2.46 -3.39 -13.02
C TRP A 124 -3.38 -2.61 -12.11
N ALA A 125 -3.18 -2.72 -10.81
CA ALA A 125 -3.97 -1.92 -9.87
C ALA A 125 -3.70 -0.42 -10.09
N MET A 126 -2.44 -0.06 -10.28
CA MET A 126 -2.08 1.35 -10.42
C MET A 126 -2.58 1.91 -11.75
N HIS A 127 -2.62 1.09 -12.80
CA HIS A 127 -3.18 1.53 -14.06
C HIS A 127 -4.66 1.79 -13.92
N PHE A 128 -5.36 0.92 -13.20
CA PHE A 128 -6.78 1.15 -12.93
C PHE A 128 -7.00 2.45 -12.17
N LEU A 129 -6.18 2.73 -11.16
CA LEU A 129 -6.32 3.98 -10.41
C LEU A 129 -6.00 5.18 -11.30
N GLU A 130 -4.99 5.06 -12.13
CA GLU A 130 -4.60 6.14 -13.05
C GLU A 130 -5.71 6.46 -14.05
N GLU A 131 -6.37 5.42 -14.59
CA GLU A 131 -7.50 5.64 -15.48
C GLU A 131 -8.65 6.32 -14.76
N ASN A 132 -8.77 6.13 -13.46
CA ASN A 132 -9.77 6.79 -12.65
C ASN A 132 -9.29 8.09 -12.03
N THR A 133 -8.10 8.54 -12.42
CA THR A 133 -7.52 9.78 -11.91
C THR A 133 -7.57 9.80 -10.38
N LEU A 134 -7.25 8.66 -9.75
CA LEU A 134 -7.25 8.56 -8.30
C LEU A 134 -5.84 8.29 -7.78
N ILE A 135 -5.36 9.20 -6.95
CA ILE A 135 -4.05 9.11 -6.30
C ILE A 135 -4.16 8.22 -5.09
N HIS A 136 -3.26 7.26 -4.97
CA HIS A 136 -3.17 6.46 -3.75
C HIS A 136 -2.32 7.16 -2.70
N GLY A 137 -1.06 7.44 -3.00
CA GLY A 137 -0.26 8.26 -2.13
C GLY A 137 0.49 7.53 -1.03
N ASN A 138 0.36 6.20 -0.91
CA ASN A 138 1.07 5.44 0.10
C ASN A 138 1.36 4.06 -0.45
N VAL A 139 1.93 4.01 -1.66
CA VAL A 139 2.33 2.75 -2.27
C VAL A 139 3.67 2.36 -1.66
N CYS A 140 3.73 1.18 -1.10
CA CYS A 140 4.94 0.59 -0.54
C CYS A 140 4.70 -0.92 -0.38
N ALA A 141 5.77 -1.67 -0.16
CA ALA A 141 5.65 -3.11 -0.11
C ALA A 141 4.80 -3.55 1.08
N LYS A 142 4.86 -2.80 2.19
CA LYS A 142 4.08 -3.18 3.36
C LYS A 142 2.58 -3.11 3.08
N ASN A 143 2.18 -2.27 2.13
CA ASN A 143 0.76 -2.15 1.72
C ASN A 143 0.39 -3.05 0.57
N ILE A 144 1.28 -3.94 0.18
CA ILE A 144 0.97 -5.01 -0.77
C ILE A 144 0.67 -6.23 0.07
N LEU A 145 -0.55 -6.74 -0.02
CA LEU A 145 -1.03 -7.80 0.82
C LEU A 145 -1.17 -9.06 -0.01
N LEU A 146 -0.66 -10.17 0.50
CA LEU A 146 -0.66 -11.43 -0.25
C LEU A 146 -1.88 -12.28 0.09
N ILE A 147 -2.79 -12.37 -0.88
CA ILE A 147 -4.03 -13.13 -0.72
C ILE A 147 -3.74 -14.63 -0.74
N ARG A 148 -2.90 -15.05 -1.67
CA ARG A 148 -2.57 -16.45 -1.80
C ARG A 148 -1.14 -16.60 -2.31
N GLU A 149 -0.50 -17.67 -1.87
CA GLU A 149 0.83 -18.02 -2.32
C GLU A 149 0.77 -18.69 -3.69
N GLU A 150 1.92 -18.68 -4.36
CA GLU A 150 2.07 -19.47 -5.58
C GLU A 150 1.69 -20.92 -5.33
N ASP A 151 1.07 -21.57 -6.31
CA ASP A 151 0.78 -23.00 -6.26
C ASP A 151 1.43 -23.64 -7.48
N ARG A 152 2.55 -24.35 -7.28
CA ARG A 152 3.29 -24.87 -8.42
C ARG A 152 2.54 -25.98 -9.13
N LYS A 153 1.65 -26.70 -8.43
CA LYS A 153 0.92 -27.78 -9.09
C LYS A 153 -0.12 -27.24 -10.07
N THR A 154 -0.90 -26.26 -9.63
CA THR A 154 -1.90 -25.67 -10.52
C THR A 154 -1.33 -24.61 -11.45
N GLY A 155 -0.07 -24.20 -11.25
CA GLY A 155 0.46 -23.10 -12.01
C GLY A 155 -0.09 -21.73 -11.63
N ASN A 156 -0.83 -21.64 -10.54
CA ASN A 156 -1.39 -20.36 -10.13
C ASN A 156 -0.31 -19.48 -9.49
N PRO A 157 -0.19 -18.23 -9.91
CA PRO A 157 0.81 -17.37 -9.33
C PRO A 157 0.39 -16.87 -7.95
N PRO A 158 1.31 -16.25 -7.20
CA PRO A 158 0.86 -15.43 -6.05
C PRO A 158 -0.20 -14.44 -6.50
N PHE A 159 -1.03 -13.95 -5.57
CA PHE A 159 -2.02 -12.94 -5.89
C PHE A 159 -2.01 -11.91 -4.78
N ILE A 160 -1.95 -10.63 -5.16
CA ILE A 160 -1.85 -9.56 -4.20
C ILE A 160 -3.02 -8.61 -4.31
N LYS A 161 -3.19 -7.82 -3.25
CA LYS A 161 -4.01 -6.63 -3.28
C LYS A 161 -3.29 -5.48 -2.63
N LEU A 162 -3.62 -4.27 -3.08
CA LEU A 162 -3.11 -3.04 -2.52
C LEU A 162 -4.05 -2.51 -1.45
N SER A 163 -3.45 -2.13 -0.30
N SER A 163 -3.49 -2.18 -0.28
CA SER A 163 -4.15 -1.60 0.86
CA SER A 163 -4.30 -1.72 0.83
C SER A 163 -4.83 -0.25 0.58
C SER A 163 -4.73 -0.26 0.66
N ASP A 164 -5.59 0.20 1.58
CA ASP A 164 -6.16 1.52 1.53
C ASP A 164 -5.05 2.55 1.70
N PRO A 165 -5.33 3.82 1.36
CA PRO A 165 -4.25 4.80 1.29
C PRO A 165 -3.81 5.32 2.65
N GLY A 166 -4.66 5.28 3.65
CA GLY A 166 -4.30 5.86 4.93
C GLY A 166 -4.43 7.39 4.90
N ILE A 167 -3.82 8.01 5.93
CA ILE A 167 -3.83 9.47 6.02
C ILE A 167 -2.97 10.03 4.91
N SER A 168 -3.43 11.13 4.30
CA SER A 168 -2.74 11.70 3.14
C SER A 168 -1.47 12.42 3.56
N ILE A 169 -0.44 12.35 2.71
CA ILE A 169 0.76 13.12 3.00
C ILE A 169 0.49 14.62 2.94
N THR A 170 -0.67 15.05 2.40
CA THR A 170 -0.98 16.48 2.44
C THR A 170 -1.28 16.96 3.85
N VAL A 171 -1.62 16.06 4.77
CA VAL A 171 -1.95 16.45 6.15
C VAL A 171 -0.97 15.92 7.17
N LEU A 172 -0.07 15.03 6.81
CA LEU A 172 0.82 14.44 7.78
C LEU A 172 1.92 15.41 8.20
N PRO A 173 2.46 15.25 9.41
CA PRO A 173 3.59 16.09 9.82
C PRO A 173 4.78 15.89 8.89
N LYS A 174 5.57 16.96 8.75
CA LYS A 174 6.73 16.90 7.87
C LYS A 174 7.70 15.79 8.28
N ASP A 175 7.86 15.55 9.58
CA ASP A 175 8.82 14.54 9.98
C ASP A 175 8.40 13.15 9.50
N ILE A 176 7.10 12.90 9.39
CA ILE A 176 6.61 11.63 8.86
C ILE A 176 6.96 11.51 7.38
N LEU A 177 6.69 12.57 6.61
CA LEU A 177 7.03 12.56 5.19
C LEU A 177 8.51 12.28 4.99
N GLN A 178 9.39 12.86 5.81
CA GLN A 178 10.82 12.63 5.63
C GLN A 178 11.21 11.20 5.99
N GLU A 179 10.62 10.65 7.04
CA GLU A 179 10.81 9.23 7.34
C GLU A 179 10.37 8.34 6.19
N ARG A 180 9.38 8.78 5.42
CA ARG A 180 8.91 8.01 4.28
C ARG A 180 9.69 8.28 2.99
N ILE A 181 10.74 9.06 3.04
CA ILE A 181 11.71 9.04 1.94
C ILE A 181 12.38 7.67 1.94
N PRO A 182 12.50 7.00 0.79
CA PRO A 182 12.26 7.46 -0.58
C PRO A 182 10.97 6.96 -1.26
N TRP A 183 9.92 6.67 -0.50
CA TRP A 183 8.61 6.42 -1.09
C TRP A 183 7.92 7.74 -1.47
N VAL A 184 8.02 8.75 -0.60
CA VAL A 184 7.48 10.08 -0.89
C VAL A 184 8.44 10.77 -1.83
N PRO A 185 7.99 11.21 -3.00
CA PRO A 185 8.91 11.72 -4.03
C PRO A 185 9.43 13.09 -3.68
N PRO A 186 10.45 13.55 -4.40
CA PRO A 186 11.14 14.78 -3.96
C PRO A 186 10.27 16.01 -4.06
N GLU A 187 9.41 16.09 -5.07
CA GLU A 187 8.52 17.24 -5.20
C GLU A 187 7.52 17.32 -4.06
N CYS A 188 7.20 16.20 -3.41
CA CYS A 188 6.28 16.24 -2.28
C CYS A 188 6.98 16.61 -0.98
N ILE A 189 8.27 16.29 -0.84
CA ILE A 189 9.05 16.80 0.28
C ILE A 189 9.18 18.31 0.16
N GLU A 190 9.39 18.80 -1.07
CA GLU A 190 9.41 20.25 -1.32
C GLU A 190 8.09 20.90 -0.93
N ASN A 191 6.99 20.35 -1.38
CA ASN A 191 5.68 20.88 -1.05
C ASN A 191 4.66 19.77 -1.09
N PRO A 192 4.11 19.38 0.06
CA PRO A 192 3.13 18.27 0.07
C PRO A 192 1.91 18.50 -0.80
N LYS A 193 1.66 19.72 -1.27
CA LYS A 193 0.55 19.97 -2.20
C LYS A 193 0.90 19.62 -3.64
N ASN A 194 2.13 19.19 -3.89
CA ASN A 194 2.54 18.69 -5.21
C ASN A 194 2.10 17.25 -5.46
N LEU A 195 1.36 16.66 -4.52
CA LEU A 195 0.75 15.35 -4.72
C LEU A 195 -0.05 15.32 -6.02
N ASN A 196 0.19 14.29 -6.82
CA ASN A 196 -0.18 14.22 -8.23
C ASN A 196 -0.15 12.73 -8.58
N LEU A 197 -0.76 12.37 -9.70
CA LEU A 197 -0.66 10.97 -10.11
C LEU A 197 0.81 10.56 -10.25
N ALA A 198 1.67 11.50 -10.66
CA ALA A 198 3.08 11.18 -10.78
C ALA A 198 3.67 10.70 -9.47
N THR A 199 3.10 11.10 -8.32
CA THR A 199 3.61 10.65 -7.03
C THR A 199 3.67 9.12 -6.98
N ASP A 200 2.60 8.49 -7.44
CA ASP A 200 2.47 7.06 -7.34
C ASP A 200 3.40 6.34 -8.28
N LYS A 201 3.82 6.98 -9.38
CA LYS A 201 4.83 6.34 -10.22
C LYS A 201 6.16 6.24 -9.49
N TRP A 202 6.54 7.30 -8.77
CA TRP A 202 7.78 7.29 -8.03
C TRP A 202 7.74 6.21 -6.95
N SER A 203 6.66 6.20 -6.17
CA SER A 203 6.49 5.24 -5.09
C SER A 203 6.45 3.82 -5.62
N PHE A 204 5.86 3.61 -6.79
CA PHE A 204 5.88 2.30 -7.42
C PHE A 204 7.31 1.87 -7.70
N GLY A 205 8.16 2.78 -8.16
CA GLY A 205 9.57 2.42 -8.31
C GLY A 205 10.20 1.96 -7.01
N THR A 206 9.96 2.71 -5.92
CA THR A 206 10.52 2.33 -4.64
C THR A 206 10.02 0.98 -4.20
N THR A 207 8.75 0.71 -4.46
CA THR A 207 8.14 -0.54 -4.07
C THR A 207 8.72 -1.70 -4.86
N LEU A 208 8.97 -1.50 -6.14
CA LEU A 208 9.66 -2.50 -6.93
C LEU A 208 11.03 -2.77 -6.35
N TRP A 209 11.75 -1.71 -5.93
CA TRP A 209 13.05 -1.94 -5.30
C TRP A 209 12.92 -2.84 -4.08
N GLU A 210 11.91 -2.58 -3.25
CA GLU A 210 11.70 -3.44 -2.09
C GLU A 210 11.46 -4.89 -2.47
N ILE A 211 10.59 -5.10 -3.46
CA ILE A 211 10.22 -6.43 -3.92
C ILE A 211 11.45 -7.17 -4.41
N CYS A 212 12.36 -6.43 -5.05
CA CYS A 212 13.59 -7.03 -5.57
C CYS A 212 14.70 -7.10 -4.54
N SER A 213 14.49 -6.58 -3.32
CA SER A 213 15.53 -6.53 -2.30
C SER A 213 15.16 -7.34 -1.07
N GLY A 214 14.31 -8.34 -1.26
CA GLY A 214 13.89 -9.23 -0.20
C GLY A 214 13.20 -8.57 0.99
N GLY A 215 12.49 -7.47 0.77
CA GLY A 215 11.90 -6.77 1.88
C GLY A 215 12.82 -5.86 2.66
N ASP A 216 14.06 -5.64 2.19
CA ASP A 216 14.89 -4.59 2.76
C ASP A 216 14.22 -3.24 2.55
N LYS A 217 14.54 -2.29 3.45
CA LYS A 217 14.04 -0.93 3.30
C LYS A 217 15.13 -0.07 2.69
N PRO A 218 14.87 0.60 1.58
CA PRO A 218 15.91 1.45 0.97
C PRO A 218 16.22 2.64 1.86
N LEU A 219 17.52 2.97 1.92
CA LEU A 219 18.04 4.09 2.70
C LEU A 219 17.82 3.90 4.20
N SER A 220 17.63 2.67 4.65
CA SER A 220 17.41 2.41 6.07
C SER A 220 18.55 2.97 6.93
N ALA A 221 19.78 3.01 6.39
CA ALA A 221 20.91 3.52 7.15
C ALA A 221 20.90 5.04 7.31
N LEU A 222 20.07 5.75 6.56
CA LEU A 222 20.10 7.21 6.56
C LEU A 222 19.02 7.75 7.49
N ASP A 223 19.40 8.67 8.38
CA ASP A 223 18.43 9.42 9.13
C ASP A 223 17.76 10.44 8.22
N SER A 224 16.80 11.19 8.78
CA SER A 224 16.02 12.10 7.95
C SER A 224 16.90 13.18 7.30
N GLN A 225 17.81 13.76 8.08
CA GLN A 225 18.68 14.78 7.51
C GLN A 225 19.42 14.25 6.28
N ARG A 226 19.88 13.01 6.35
CA ARG A 226 20.64 12.44 5.24
C ARG A 226 19.73 12.02 4.11
N LYS A 227 18.49 11.64 4.41
CA LYS A 227 17.52 11.37 3.35
C LYS A 227 17.22 12.64 2.57
N LEU A 228 17.06 13.77 3.26
CA LEU A 228 16.87 15.03 2.57
C LEU A 228 18.06 15.37 1.69
N GLN A 229 19.27 15.11 2.17
CA GLN A 229 20.45 15.40 1.35
C GLN A 229 20.57 14.42 0.19
N PHE A 230 20.03 13.20 0.35
CA PHE A 230 20.02 12.25 -0.75
C PHE A 230 19.19 12.78 -1.92
N TYR A 231 18.05 13.40 -1.62
CA TYR A 231 17.25 14.05 -2.67
C TYR A 231 17.95 15.31 -3.19
N GLU A 232 18.56 16.10 -2.29
CA GLU A 232 19.22 17.33 -2.71
C GLU A 232 20.28 17.06 -3.77
N ASP A 233 21.06 16.01 -3.58
CA ASP A 233 22.10 15.59 -4.52
C ASP A 233 21.57 14.70 -5.63
N ARG A 234 20.25 14.59 -5.76
CA ARG A 234 19.56 13.88 -6.85
C ARG A 234 20.14 12.48 -7.07
N HIS A 235 20.31 11.76 -5.97
CA HIS A 235 20.82 10.40 -6.04
C HIS A 235 19.69 9.42 -6.34
N GLN A 236 20.06 8.29 -6.93
CA GLN A 236 19.13 7.20 -7.17
C GLN A 236 19.43 6.02 -6.23
N LEU A 237 18.44 5.16 -6.02
CA LEU A 237 18.72 3.98 -5.24
C LEU A 237 19.75 3.09 -5.92
N PRO A 238 20.50 2.31 -5.15
CA PRO A 238 21.37 1.29 -5.76
C PRO A 238 20.54 0.29 -6.52
N ALA A 239 21.15 -0.29 -7.54
CA ALA A 239 20.50 -1.36 -8.27
C ALA A 239 20.14 -2.47 -7.29
N PRO A 240 18.92 -2.99 -7.34
CA PRO A 240 18.54 -4.03 -6.38
C PRO A 240 19.29 -5.32 -6.63
N LYS A 241 19.15 -6.23 -5.65
CA LYS A 241 19.91 -7.46 -5.66
C LYS A 241 19.52 -8.30 -6.86
N TRP A 242 18.22 -8.52 -7.06
CA TRP A 242 17.72 -8.95 -8.35
C TRP A 242 17.71 -7.71 -9.22
N ALA A 243 18.63 -7.61 -10.17
CA ALA A 243 18.77 -6.37 -10.91
C ALA A 243 17.90 -6.31 -12.16
N GLU A 244 17.06 -7.31 -12.41
CA GLU A 244 16.29 -7.31 -13.65
C GLU A 244 15.39 -6.08 -13.76
N LEU A 245 14.93 -5.53 -12.65
CA LEU A 245 14.02 -4.41 -12.68
C LEU A 245 14.71 -3.08 -12.44
N ALA A 246 16.03 -3.08 -12.37
CA ALA A 246 16.78 -1.85 -12.05
C ALA A 246 16.45 -0.71 -13.01
N ASN A 247 16.37 -1.00 -14.30
CA ASN A 247 16.10 0.06 -15.26
C ASN A 247 14.71 0.65 -15.06
N LEU A 248 13.71 -0.23 -14.84
CA LEU A 248 12.35 0.24 -14.58
C LEU A 248 12.26 1.07 -13.31
N ILE A 249 12.96 0.62 -12.27
CA ILE A 249 12.99 1.39 -11.03
C ILE A 249 13.54 2.80 -11.29
N ASN A 250 14.68 2.90 -11.97
CA ASN A 250 15.23 4.23 -12.25
C ASN A 250 14.29 5.06 -13.13
N ASN A 251 13.60 4.44 -14.09
CA ASN A 251 12.71 5.20 -14.97
C ASN A 251 11.50 5.71 -14.22
N CYS A 252 11.02 4.93 -13.24
CA CYS A 252 9.91 5.37 -12.41
C CYS A 252 10.35 6.43 -11.40
N MET A 253 11.55 6.29 -10.82
CA MET A 253 12.04 7.25 -9.84
C MET A 253 12.77 8.38 -10.56
N ASP A 254 12.05 9.04 -11.46
CA ASP A 254 12.58 10.17 -12.22
C ASP A 254 12.37 11.44 -11.44
N TYR A 255 13.44 12.22 -11.23
CA TYR A 255 13.25 13.46 -10.49
C TYR A 255 12.34 14.45 -11.20
N GLU A 256 12.15 14.31 -12.53
CA GLU A 256 11.20 15.10 -13.28
C GLU A 256 9.84 14.36 -13.28
N PRO A 257 8.85 14.83 -12.54
CA PRO A 257 7.59 14.07 -12.45
C PRO A 257 6.93 13.85 -13.80
N ASP A 258 7.00 14.83 -14.70
CA ASP A 258 6.39 14.68 -16.01
C ASP A 258 7.03 13.60 -16.86
N HIS A 259 8.24 13.19 -16.54
CA HIS A 259 8.94 12.21 -17.34
C HIS A 259 8.69 10.79 -16.87
N ARG A 260 8.03 10.60 -15.73
CA ARG A 260 7.77 9.26 -15.26
C ARG A 260 6.79 8.57 -16.21
N PRO A 261 7.02 7.32 -16.55
CA PRO A 261 6.15 6.66 -17.54
C PRO A 261 4.76 6.34 -17.01
N SER A 262 3.81 6.30 -17.93
CA SER A 262 2.46 5.85 -17.60
C SER A 262 2.47 4.41 -17.13
N PHE A 263 1.43 4.03 -16.38
CA PHE A 263 1.34 2.63 -15.97
C PHE A 263 1.10 1.72 -17.15
N ARG A 264 0.48 2.22 -18.23
CA ARG A 264 0.40 1.39 -19.43
C ARG A 264 1.79 1.06 -19.96
N ALA A 265 2.68 2.05 -19.96
CA ALA A 265 4.03 1.83 -20.45
C ALA A 265 4.83 0.98 -19.47
N ILE A 266 4.61 1.16 -18.16
CA ILE A 266 5.26 0.31 -17.17
C ILE A 266 4.87 -1.15 -17.38
N ILE A 267 3.59 -1.40 -17.65
CA ILE A 267 3.14 -2.77 -17.85
C ILE A 267 3.81 -3.36 -19.08
N ARG A 268 3.86 -2.62 -20.18
CA ARG A 268 4.57 -3.11 -21.36
C ARG A 268 6.00 -3.51 -21.02
N ASP A 269 6.71 -2.65 -20.27
CA ASP A 269 8.09 -2.95 -19.91
C ASP A 269 8.19 -4.22 -19.07
N LEU A 270 7.26 -4.37 -18.13
CA LEU A 270 7.26 -5.58 -17.32
C LEU A 270 7.00 -6.80 -18.19
N ASN A 271 6.05 -6.67 -19.14
CA ASN A 271 5.70 -7.79 -20.01
C ASN A 271 6.92 -8.24 -20.82
N SER A 272 7.76 -7.29 -21.23
CA SER A 272 8.90 -7.61 -22.10
C SER A 272 10.08 -8.21 -21.34
N LEU A 273 10.07 -8.22 -20.02
CA LEU A 273 11.17 -8.79 -19.25
C LEU A 273 11.11 -10.32 -19.16
N1 A1BW6 B . -3.92 -5.81 6.32
N3 A1BW6 B . -3.23 -9.12 7.07
C4 A1BW6 B . -3.71 -7.90 6.69
C5 A1BW6 B . -2.35 -9.42 8.15
C6 A1BW6 B . -1.90 -10.71 8.32
C7 A1BW6 B . -1.07 -11.04 9.36
C8 A1BW6 B . -0.70 -10.06 10.27
C10 A1BW6 B . -1.99 -8.44 9.08
C13 A1BW6 B . -0.18 -2.91 6.19
C15 A1BW6 B . -0.54 -3.78 8.40
C17 A1BW6 B . 0.95 -3.05 10.37
C20 A1BW6 B . 3.89 -4.84 13.40
C21 A1BW6 B . 4.32 -5.30 14.73
C22 A1BW6 B . 3.66 -4.99 15.81
C24 A1BW6 B . 0.51 -5.47 9.93
C1 A1BW6 B . -1.81 -4.19 7.99
C11 A1BW6 B . -5.06 -6.48 5.89
C12 A1BW6 B . -1.44 -3.34 5.83
C14 A1BW6 B . 0.27 -3.15 7.47
C16 A1BW6 B . -0.05 -4.05 9.82
C18 A1BW6 B . 1.42 -3.43 11.78
C19 A1BW6 B . 2.07 -4.80 11.78
C2 A1BW6 B . -2.28 -3.99 6.71
C23 A1BW6 B . 1.06 -5.84 11.32
C3 A1BW6 B . -3.63 -4.45 6.23
C9 A1BW6 B . -1.17 -8.76 10.13
F1 A1BW6 B . -2.60 -4.81 8.89
F2 A1BW6 B . -1.87 -3.09 4.57
N2 A1BW6 B . -3.04 -6.75 6.81
N4 A1BW6 B . 0.50 -9.25 12.49
N5 A1BW6 B . -4.93 -7.76 6.16
N6 A1BW6 B . -6.15 -5.88 5.39
N7 A1BW6 B . 2.62 -5.14 13.09
O1 A1BW6 B . -0.45 -11.43 12.43
O2 A1BW6 B . 1.61 -10.91 11.16
O3 A1BW6 B . -4.39 -3.69 5.68
O4 A1BW6 B . 4.65 -4.19 12.67
S1 A1BW6 B . 0.31 -10.54 11.63
H1 A1BW6 B . -3.49 -9.81 6.59
H2 A1BW6 B . -2.17 -11.37 7.70
H3 A1BW6 B . -0.76 -11.92 9.46
H5 A1BW6 B . -2.31 -7.56 8.97
H10 A1BW6 B . 0.35 -2.46 5.57
H13 A1BW6 B . 1.73 -2.99 9.77
H14 A1BW6 B . 0.53 -2.15 10.40
H19 A1BW6 B . 5.11 -5.81 14.79
H20 A1BW6 B . 2.88 -4.47 15.76
H21 A1BW6 B . 3.96 -5.30 16.66
H25 A1BW6 B . -0.20 -6.12 9.70
H24 A1BW6 B . 1.24 -5.58 9.28
H11 A1BW6 B . 1.14 -2.88 7.71
H12 A1BW6 B . -0.83 -3.97 10.42
H16 A1BW6 B . 2.06 -2.77 12.09
H15 A1BW6 B . 0.67 -3.43 12.38
H17 A1BW6 B . 2.83 -4.81 11.15
H22 A1BW6 B . 0.32 -5.88 11.96
H23 A1BW6 B . 1.48 -6.71 11.29
H4 A1BW6 B . -0.93 -8.11 10.76
H6 A1BW6 B . 0.93 -9.40 13.24
H7 A1BW6 B . 0.18 -8.54 12.12
H9 A1BW6 B . -6.85 -6.35 5.20
H8 A1BW6 B . -6.13 -5.02 5.24
H18 A1BW6 B . 2.13 -5.52 13.69
#